data_2K4L
#
_entry.id   2K4L
#
_cell.length_a   1.000
_cell.length_b   1.000
_cell.length_c   1.000
_cell.angle_alpha   90.00
_cell.angle_beta   90.00
_cell.angle_gamma   90.00
#
_symmetry.space_group_name_H-M   'P 1'
#
loop_
_entity.id
_entity.type
_entity.pdbx_description
1 polymer "5'-D(*DAP*DAP*DTP*DCP*DTP*DTP*DTP*DAP*DAP*DAP*DGP*DAP*DTP*DT)-3'"
2 non-polymer (11aS)-7,8-dimethoxy-2-naphthalen-2-yl-1,10,11,11a-tetrahydro-5H-pyrrolo[2,1-c][1,4]benzodiazepin-5-one
#
_entity_poly.entity_id   1
_entity_poly.type   'polydeoxyribonucleotide'
_entity_poly.pdbx_seq_one_letter_code
;(DA)(DA)(DT)(DC)(DT)(DT)(DT)(DA)(DA)(DA)(DG)(DA)(DT)(DT)
;
_entity_poly.pdbx_strand_id   A,B
#